data_8ROP
#
_entry.id   8ROP
#
_cell.length_a   50.763
_cell.length_b   81.269
_cell.length_c   109.890
_cell.angle_alpha   90.000
_cell.angle_beta   90.000
_cell.angle_gamma   90.000
#
_symmetry.space_group_name_H-M   'P 21 21 21'
#
loop_
_entity.id
_entity.type
_entity.pdbx_description
1 polymer 'MHC class I antigen'
2 polymer 'Nuclear export protein derived peptide'
3 polymer Beta-2-microglobulin
4 non-polymer 1,2-ETHANEDIOL
5 non-polymer 'CHLORIDE ION'
6 non-polymer 'SODIUM ION'
7 water water
#
loop_
_entity_poly.entity_id
_entity_poly.type
_entity_poly.pdbx_seq_one_letter_code
_entity_poly.pdbx_strand_id
1 'polypeptide(L)'
;GSHSMRYFHTSVSRPGRGEPRFISVGYVDGTQFVRFDSDAASPRTEPRAPWIEQEGPEYWDRNTQISKTNTQTYRESLRN
LRGYYNQSEAGSHTLQRMYGCDVGPDGRLLRGHDQSAYDGKDYIALNEDLSSWTAADTAAQITQRKWEAARVAEQLRAYL
EGTCVEWLRRHLENGKETLQRADPPKTHVTHHPISDHEATLRCWALGFYPAEITLTWQRDGEDQTQDTELVETRPAGDRT
FQKWAAVVVPSGEEQRYTCHVQHEGLPKPLTLRWEP
;
A
2 'polypeptide(L)' QEIRTFSF C
3 'polypeptide(L)'
;MIQRTPKIQVYSRHPAENGKSNFLNCYVSGFHPSDIEVDLLKNGERIEKVEHSDLSFSKDWSFYLLYYTEFTPTEKDEYA
CRVNHVTLSQPKIVKWDRDM
;
B
#
loop_
_chem_comp.id
_chem_comp.type
_chem_comp.name
_chem_comp.formula
CL non-polymer 'CHLORIDE ION' 'Cl -1'
EDO non-polymer 1,2-ETHANEDIOL 'C2 H6 O2'
NA non-polymer 'SODIUM ION' 'Na 1'
#
# COMPACT_ATOMS: atom_id res chain seq x y z
N GLY A 1 -16.45 5.59 10.09
CA GLY A 1 -16.55 6.74 9.19
C GLY A 1 -16.86 6.32 7.77
N SER A 2 -16.08 6.84 6.82
CA SER A 2 -16.22 6.48 5.43
CA SER A 2 -16.21 6.48 5.42
C SER A 2 -15.39 5.24 5.13
N HIS A 3 -15.76 4.55 4.04
CA HIS A 3 -15.15 3.26 3.73
C HIS A 3 -15.00 3.10 2.24
N SER A 4 -14.10 2.20 1.84
CA SER A 4 -13.83 1.94 0.44
CA SER A 4 -13.81 1.95 0.45
C SER A 4 -13.60 0.46 0.22
N MET A 5 -14.01 -0.01 -0.96
CA MET A 5 -13.57 -1.30 -1.48
C MET A 5 -12.75 -1.01 -2.73
N ARG A 6 -11.55 -1.60 -2.81
CA ARG A 6 -10.68 -1.35 -3.95
CA ARG A 6 -10.63 -1.33 -3.90
C ARG A 6 -10.00 -2.64 -4.36
N TYR A 7 -9.88 -2.82 -5.66
CA TYR A 7 -9.07 -3.88 -6.24
C TYR A 7 -7.87 -3.25 -6.92
N PHE A 8 -6.70 -3.85 -6.69
CA PHE A 8 -5.42 -3.38 -7.20
C PHE A 8 -4.85 -4.48 -8.08
N HIS A 9 -4.73 -4.18 -9.38
CA HIS A 9 -4.33 -5.13 -10.40
C HIS A 9 -2.97 -4.72 -10.94
N THR A 10 -2.03 -5.67 -10.94
CA THR A 10 -0.70 -5.45 -11.49
C THR A 10 -0.39 -6.56 -12.48
N SER A 11 -0.04 -6.19 -13.71
CA SER A 11 0.40 -7.13 -14.73
C SER A 11 1.76 -6.69 -15.24
N VAL A 12 2.70 -7.63 -15.34
CA VAL A 12 4.09 -7.30 -15.62
C VAL A 12 4.62 -8.25 -16.69
N SER A 13 5.00 -7.72 -17.84
CA SER A 13 5.59 -8.59 -18.85
C SER A 13 7.04 -8.89 -18.52
N ARG A 14 7.53 -10.02 -19.06
CA ARG A 14 8.87 -10.51 -18.74
C ARG A 14 9.33 -11.34 -19.93
N PRO A 15 9.62 -10.69 -21.06
CA PRO A 15 9.98 -11.44 -22.27
CA PRO A 15 9.98 -11.45 -22.26
C PRO A 15 11.14 -12.40 -22.01
N GLY A 16 10.99 -13.63 -22.50
CA GLY A 16 11.98 -14.67 -22.28
C GLY A 16 11.77 -15.47 -21.02
N ARG A 17 10.82 -15.06 -20.17
CA ARG A 17 10.56 -15.66 -18.87
C ARG A 17 9.08 -15.99 -18.72
N GLY A 18 8.46 -16.43 -19.82
CA GLY A 18 7.06 -16.80 -19.81
C GLY A 18 6.15 -15.61 -20.08
N GLU A 19 4.87 -15.82 -19.78
CA GLU A 19 3.85 -14.82 -20.04
C GLU A 19 3.72 -13.87 -18.85
N PRO A 20 3.10 -12.71 -19.05
CA PRO A 20 3.06 -11.71 -17.97
C PRO A 20 2.32 -12.22 -16.73
N ARG A 21 2.93 -11.98 -15.57
CA ARG A 21 2.25 -12.28 -14.32
C ARG A 21 1.13 -11.28 -14.07
N PHE A 22 -0.01 -11.79 -13.61
CA PHE A 22 -1.12 -10.95 -13.16
C PHE A 22 -1.39 -11.26 -11.70
N ILE A 23 -1.41 -10.22 -10.86
CA ILE A 23 -1.84 -10.35 -9.49
C ILE A 23 -2.93 -9.32 -9.20
N SER A 24 -3.99 -9.76 -8.54
CA SER A 24 -5.06 -8.91 -8.05
CA SER A 24 -5.03 -8.89 -8.05
C SER A 24 -5.13 -9.05 -6.53
N VAL A 25 -5.24 -7.92 -5.83
CA VAL A 25 -5.50 -7.94 -4.40
C VAL A 25 -6.72 -7.04 -4.16
N GLY A 26 -7.57 -7.44 -3.23
CA GLY A 26 -8.74 -6.66 -2.85
C GLY A 26 -8.63 -6.20 -1.41
N TYR A 27 -9.04 -4.94 -1.17
CA TYR A 27 -9.00 -4.31 0.13
C TYR A 27 -10.35 -3.72 0.47
N VAL A 28 -10.72 -3.79 1.74
CA VAL A 28 -11.69 -2.86 2.32
C VAL A 28 -10.90 -1.96 3.25
N ASP A 29 -10.85 -0.67 2.94
CA ASP A 29 -10.02 0.28 3.70
C ASP A 29 -8.58 -0.26 3.71
N GLY A 30 -7.94 -0.37 4.87
CA GLY A 30 -6.58 -0.86 4.98
C GLY A 30 -6.47 -2.36 5.18
N THR A 31 -7.56 -3.09 4.98
CA THR A 31 -7.58 -4.53 5.25
C THR A 31 -7.67 -5.31 3.94
N GLN A 32 -6.62 -6.04 3.60
CA GLN A 32 -6.67 -6.92 2.44
C GLN A 32 -7.58 -8.09 2.76
N PHE A 33 -8.42 -8.48 1.80
CA PHE A 33 -9.31 -9.61 2.04
C PHE A 33 -9.27 -10.70 0.99
N VAL A 34 -8.70 -10.46 -0.19
CA VAL A 34 -8.56 -11.50 -1.21
C VAL A 34 -7.27 -11.27 -1.98
N ARG A 35 -6.78 -12.34 -2.59
CA ARG A 35 -5.70 -12.27 -3.57
C ARG A 35 -5.93 -13.28 -4.68
N PHE A 36 -5.36 -13.00 -5.84
CA PHE A 36 -5.27 -13.94 -6.95
C PHE A 36 -3.92 -13.70 -7.62
N ASP A 37 -3.19 -14.76 -7.92
CA ASP A 37 -1.87 -14.63 -8.52
C ASP A 37 -1.71 -15.69 -9.61
N SER A 38 -1.52 -15.26 -10.85
CA SER A 38 -1.32 -16.21 -11.95
C SER A 38 -0.06 -17.04 -11.77
N ASP A 39 0.90 -16.60 -10.96
CA ASP A 39 2.10 -17.37 -10.69
C ASP A 39 1.93 -18.38 -9.56
N ALA A 40 0.79 -18.40 -8.87
CA ALA A 40 0.57 -19.43 -7.88
C ALA A 40 0.54 -20.79 -8.57
N ALA A 41 0.89 -21.84 -7.81
CA ALA A 41 0.87 -23.18 -8.37
C ALA A 41 -0.52 -23.51 -8.90
N SER A 42 -1.56 -23.11 -8.18
CA SER A 42 -2.96 -23.31 -8.57
CA SER A 42 -2.95 -23.31 -8.58
C SER A 42 -3.68 -21.99 -8.41
N PRO A 43 -3.66 -21.13 -9.43
CA PRO A 43 -4.26 -19.80 -9.28
C PRO A 43 -5.74 -19.87 -8.90
N ARG A 44 -6.11 -19.11 -7.88
CA ARG A 44 -7.47 -19.10 -7.37
C ARG A 44 -7.62 -17.85 -6.53
N THR A 45 -8.83 -17.29 -6.52
CA THR A 45 -9.12 -16.23 -5.57
C THR A 45 -9.10 -16.85 -4.18
N GLU A 46 -8.26 -16.30 -3.29
CA GLU A 46 -8.03 -16.88 -1.98
C GLU A 46 -8.38 -15.87 -0.90
N PRO A 47 -8.98 -16.31 0.21
CA PRO A 47 -9.28 -15.40 1.31
C PRO A 47 -8.02 -14.94 2.01
N ARG A 48 -8.03 -13.68 2.45
CA ARG A 48 -6.91 -13.11 3.19
C ARG A 48 -7.36 -12.41 4.46
N ALA A 49 -8.64 -12.48 4.80
CA ALA A 49 -9.19 -11.97 6.06
C ALA A 49 -10.22 -12.97 6.56
N PRO A 50 -10.33 -13.14 7.88
CA PRO A 50 -11.25 -14.16 8.40
C PRO A 50 -12.70 -13.97 7.99
N TRP A 51 -13.18 -12.72 7.95
CA TRP A 51 -14.61 -12.47 7.74
C TRP A 51 -15.08 -12.84 6.35
N ILE A 52 -14.18 -12.92 5.36
CA ILE A 52 -14.58 -13.29 4.00
C ILE A 52 -14.73 -14.79 3.86
N GLU A 53 -14.18 -15.57 4.78
CA GLU A 53 -14.16 -17.02 4.62
C GLU A 53 -15.55 -17.62 4.57
N GLN A 54 -16.56 -16.97 5.16
CA GLN A 54 -17.90 -17.50 5.16
C GLN A 54 -18.60 -17.43 3.80
N GLU A 55 -18.08 -16.67 2.85
CA GLU A 55 -18.69 -16.64 1.53
C GLU A 55 -18.69 -18.05 0.93
N GLY A 56 -19.76 -18.40 0.24
CA GLY A 56 -19.93 -19.74 -0.27
C GLY A 56 -19.10 -20.00 -1.51
N PRO A 57 -19.14 -21.25 -1.97
CA PRO A 57 -18.32 -21.63 -3.13
C PRO A 57 -18.61 -20.81 -4.38
N GLU A 58 -19.85 -20.33 -4.55
CA GLU A 58 -20.17 -19.53 -5.72
C GLU A 58 -19.33 -18.26 -5.78
N TYR A 59 -19.08 -17.64 -4.62
CA TYR A 59 -18.24 -16.45 -4.58
C TYR A 59 -16.83 -16.77 -5.04
N TRP A 60 -16.23 -17.84 -4.51
CA TRP A 60 -14.86 -18.17 -4.87
C TRP A 60 -14.76 -18.61 -6.33
N ASP A 61 -15.73 -19.39 -6.79
CA ASP A 61 -15.70 -19.85 -8.18
CA ASP A 61 -15.72 -19.86 -8.18
C ASP A 61 -15.85 -18.68 -9.15
N ARG A 62 -16.81 -17.79 -8.88
CA ARG A 62 -17.06 -16.68 -9.78
C ARG A 62 -15.88 -15.73 -9.86
N ASN A 63 -15.32 -15.37 -8.70
CA ASN A 63 -14.16 -14.47 -8.71
C ASN A 63 -12.94 -15.13 -9.33
N THR A 64 -12.76 -16.44 -9.12
CA THR A 64 -11.63 -17.12 -9.76
C THR A 64 -11.76 -17.09 -11.28
N GLN A 65 -12.98 -17.32 -11.79
CA GLN A 65 -13.15 -17.30 -13.23
C GLN A 65 -12.94 -15.90 -13.80
N ILE A 66 -13.47 -14.87 -13.12
CA ILE A 66 -13.22 -13.50 -13.55
C ILE A 66 -11.72 -13.23 -13.59
N SER A 67 -11.00 -13.66 -12.56
CA SER A 67 -9.57 -13.38 -12.49
C SER A 67 -8.77 -14.17 -13.53
N LYS A 68 -9.15 -15.42 -13.79
CA LYS A 68 -8.46 -16.17 -14.84
C LYS A 68 -8.68 -15.54 -16.20
N THR A 69 -9.89 -15.06 -16.48
CA THR A 69 -10.12 -14.35 -17.72
C THR A 69 -9.35 -13.03 -17.74
N ASN A 70 -9.29 -12.35 -16.59
CA ASN A 70 -8.50 -11.11 -16.49
C ASN A 70 -7.04 -11.33 -16.82
N THR A 71 -6.46 -12.48 -16.42
CA THR A 71 -5.07 -12.75 -16.78
C THR A 71 -4.90 -12.62 -18.29
N GLN A 72 -5.81 -13.24 -19.03
CA GLN A 72 -5.70 -13.21 -20.47
C GLN A 72 -5.98 -11.82 -21.03
N THR A 73 -6.98 -11.12 -20.47
CA THR A 73 -7.30 -9.79 -20.97
C THR A 73 -6.15 -8.82 -20.74
N TYR A 74 -5.51 -8.89 -19.57
CA TYR A 74 -4.38 -8.01 -19.32
C TYR A 74 -3.18 -8.35 -20.21
N ARG A 75 -3.00 -9.63 -20.54
CA ARG A 75 -1.92 -9.99 -21.46
C ARG A 75 -2.18 -9.42 -22.86
N GLU A 76 -3.42 -9.50 -23.33
CA GLU A 76 -3.80 -8.84 -24.57
C GLU A 76 -3.56 -7.34 -24.49
N SER A 77 -3.95 -6.73 -23.35
CA SER A 77 -3.77 -5.30 -23.18
C SER A 77 -2.31 -4.90 -23.21
N LEU A 78 -1.44 -5.69 -22.57
CA LEU A 78 -0.02 -5.40 -22.62
C LEU A 78 0.54 -5.49 -24.04
N ARG A 79 0.10 -6.49 -24.81
CA ARG A 79 0.50 -6.54 -26.22
C ARG A 79 0.03 -5.31 -26.97
N ASN A 80 -1.22 -4.88 -26.74
CA ASN A 80 -1.74 -3.71 -27.44
C ASN A 80 -0.96 -2.46 -27.06
N LEU A 81 -0.70 -2.27 -25.77
N LEU A 81 -0.68 -2.26 -25.77
CA LEU A 81 0.02 -1.09 -25.30
CA LEU A 81 0.01 -1.04 -25.35
C LEU A 81 1.41 -1.03 -25.89
C LEU A 81 1.46 -1.01 -25.81
N ARG A 82 2.10 -2.17 -25.94
CA ARG A 82 3.43 -2.20 -26.56
C ARG A 82 3.37 -1.63 -27.97
N GLY A 83 2.36 -2.03 -28.74
CA GLY A 83 2.18 -1.49 -30.08
C GLY A 83 1.82 -0.01 -30.08
N TYR A 84 0.97 0.43 -29.15
CA TYR A 84 0.56 1.83 -29.14
C TYR A 84 1.73 2.76 -28.90
N TYR A 85 2.79 2.27 -28.25
CA TYR A 85 3.99 3.05 -27.98
C TYR A 85 5.17 2.65 -28.86
N ASN A 86 4.92 1.82 -29.88
CA ASN A 86 5.96 1.39 -30.82
C ASN A 86 7.14 0.75 -30.11
N GLN A 87 6.86 0.01 -29.04
CA GLN A 87 7.93 -0.54 -28.22
C GLN A 87 8.39 -1.91 -28.71
N SER A 88 9.64 -2.21 -28.40
CA SER A 88 10.24 -3.48 -28.77
CA SER A 88 10.20 -3.48 -28.83
C SER A 88 9.66 -4.62 -27.96
N GLU A 89 9.71 -5.82 -28.52
CA GLU A 89 9.33 -7.02 -27.78
C GLU A 89 10.35 -7.39 -26.72
N ALA A 90 11.50 -6.73 -26.68
CA ALA A 90 12.57 -7.09 -25.76
C ALA A 90 12.35 -6.59 -24.34
N GLY A 91 11.58 -5.52 -24.16
CA GLY A 91 11.48 -4.88 -22.87
C GLY A 91 10.32 -5.36 -22.01
N SER A 92 10.49 -5.20 -20.70
CA SER A 92 9.44 -5.48 -19.74
CA SER A 92 9.43 -5.48 -19.75
C SER A 92 8.61 -4.22 -19.49
N HIS A 93 7.31 -4.42 -19.30
CA HIS A 93 6.38 -3.31 -19.07
C HIS A 93 5.37 -3.70 -18.02
N THR A 94 4.77 -2.68 -17.41
CA THR A 94 3.84 -2.87 -16.31
C THR A 94 2.53 -2.17 -16.63
N LEU A 95 1.41 -2.86 -16.40
CA LEU A 95 0.09 -2.27 -16.50
C LEU A 95 -0.60 -2.43 -15.16
N GLN A 96 -0.92 -1.30 -14.52
CA GLN A 96 -1.61 -1.29 -13.23
C GLN A 96 -2.99 -0.70 -13.42
N ARG A 97 -3.94 -1.23 -12.66
CA ARG A 97 -5.30 -0.71 -12.69
C ARG A 97 -5.88 -0.84 -11.30
N MET A 98 -6.56 0.19 -10.84
N MET A 98 -6.61 0.19 -10.87
N MET A 98 -6.62 0.19 -10.88
CA MET A 98 -7.33 0.12 -9.62
CA MET A 98 -7.31 0.21 -9.59
CA MET A 98 -7.31 0.19 -9.60
C MET A 98 -8.77 0.50 -9.93
C MET A 98 -8.76 0.59 -9.84
C MET A 98 -8.77 0.58 -9.86
N TYR A 99 -9.69 -0.10 -9.20
CA TYR A 99 -11.09 0.27 -9.32
C TYR A 99 -11.81 -0.04 -8.02
N GLY A 100 -12.94 0.62 -7.83
CA GLY A 100 -13.78 0.33 -6.69
C GLY A 100 -14.61 1.53 -6.29
N CYS A 101 -15.15 1.45 -5.07
CA CYS A 101 -16.17 2.39 -4.64
C CYS A 101 -15.90 2.88 -3.22
N ASP A 102 -16.35 4.09 -2.94
CA ASP A 102 -16.30 4.71 -1.63
C ASP A 102 -17.72 4.98 -1.15
N VAL A 103 -17.98 4.73 0.13
CA VAL A 103 -19.26 5.05 0.76
C VAL A 103 -19.02 5.86 2.02
N GLY A 104 -20.03 6.64 2.39
CA GLY A 104 -19.99 7.42 3.62
C GLY A 104 -20.48 6.63 4.81
N PRO A 105 -20.57 7.29 5.97
CA PRO A 105 -21.03 6.59 7.18
C PRO A 105 -22.42 5.99 7.06
N ASP A 106 -23.26 6.55 6.19
CA ASP A 106 -24.60 6.01 5.96
C ASP A 106 -24.62 4.89 4.92
N GLY A 107 -23.46 4.47 4.43
CA GLY A 107 -23.40 3.45 3.39
C GLY A 107 -23.73 3.93 2.01
N ARG A 108 -24.00 5.22 1.81
CA ARG A 108 -24.34 5.72 0.49
C ARG A 108 -23.09 6.00 -0.33
N LEU A 109 -23.22 5.80 -1.64
CA LEU A 109 -22.11 6.00 -2.56
C LEU A 109 -21.58 7.43 -2.47
N LEU A 110 -20.27 7.55 -2.25
CA LEU A 110 -19.57 8.82 -2.38
C LEU A 110 -19.07 9.01 -3.80
N ARG A 111 -18.29 8.05 -4.29
CA ARG A 111 -17.85 8.06 -5.69
C ARG A 111 -17.29 6.71 -6.05
N GLY A 112 -17.12 6.50 -7.35
CA GLY A 112 -16.46 5.34 -7.91
C GLY A 112 -15.14 5.69 -8.57
N HIS A 113 -14.37 4.65 -8.87
CA HIS A 113 -13.02 4.79 -9.41
C HIS A 113 -12.74 3.69 -10.42
N ASP A 114 -12.03 4.04 -11.50
CA ASP A 114 -11.40 3.07 -12.40
C ASP A 114 -10.27 3.82 -13.11
N GLN A 115 -9.04 3.55 -12.69
CA GLN A 115 -7.87 4.30 -13.14
CA GLN A 115 -7.88 4.28 -13.18
C GLN A 115 -6.77 3.31 -13.51
N SER A 116 -5.97 3.65 -14.52
CA SER A 116 -4.89 2.78 -14.98
CA SER A 116 -4.88 2.77 -14.93
C SER A 116 -3.62 3.57 -15.25
N ALA A 117 -2.49 2.87 -15.15
CA ALA A 117 -1.17 3.41 -15.40
C ALA A 117 -0.34 2.42 -16.17
N TYR A 118 0.48 2.91 -17.07
CA TYR A 118 1.39 2.09 -17.86
C TYR A 118 2.81 2.52 -17.56
N ASP A 119 3.65 1.57 -17.16
CA ASP A 119 5.02 1.87 -16.73
C ASP A 119 5.07 2.98 -15.69
N GLY A 120 4.09 2.97 -14.77
CA GLY A 120 4.08 3.90 -13.66
C GLY A 120 3.52 5.27 -13.96
N LYS A 121 3.04 5.50 -15.17
N LYS A 121 3.07 5.52 -15.18
CA LYS A 121 2.53 6.80 -15.60
CA LYS A 121 2.54 6.82 -15.57
C LYS A 121 1.04 6.69 -15.87
C LYS A 121 1.05 6.68 -15.85
N ASP A 122 0.27 7.65 -15.38
CA ASP A 122 -1.17 7.64 -15.61
C ASP A 122 -1.47 7.50 -17.10
N TYR A 123 -2.40 6.61 -17.41
CA TYR A 123 -2.74 6.26 -18.78
C TYR A 123 -4.18 6.65 -19.12
N ILE A 124 -5.15 6.12 -18.40
CA ILE A 124 -6.55 6.47 -18.63
C ILE A 124 -7.30 6.37 -17.31
N ALA A 125 -8.30 7.23 -17.14
CA ALA A 125 -9.12 7.21 -15.93
C ALA A 125 -10.57 7.47 -16.30
N LEU A 126 -11.46 6.72 -15.64
CA LEU A 126 -12.87 7.05 -15.66
C LEU A 126 -13.08 8.31 -14.83
N ASN A 127 -13.76 9.30 -15.39
CA ASN A 127 -14.01 10.51 -14.65
C ASN A 127 -15.04 10.26 -13.54
N GLU A 128 -15.10 11.18 -12.58
CA GLU A 128 -15.99 11.03 -11.44
C GLU A 128 -17.46 10.91 -11.87
N ASP A 129 -17.81 11.43 -13.05
CA ASP A 129 -19.17 11.28 -13.57
C ASP A 129 -19.50 9.83 -13.92
N LEU A 130 -18.52 8.93 -13.94
CA LEU A 130 -18.74 7.53 -14.31
C LEU A 130 -19.30 7.41 -15.73
N SER A 131 -19.03 8.40 -16.56
CA SER A 131 -19.60 8.44 -17.91
CA SER A 131 -19.60 8.43 -17.91
C SER A 131 -18.63 8.85 -18.99
N SER A 132 -17.47 9.40 -18.65
CA SER A 132 -16.50 9.88 -19.63
C SER A 132 -15.11 9.55 -19.13
N TRP A 133 -14.14 9.62 -20.04
CA TRP A 133 -12.77 9.20 -19.79
C TRP A 133 -11.80 10.36 -19.95
N THR A 134 -10.70 10.30 -19.21
CA THR A 134 -9.56 11.18 -19.44
C THR A 134 -8.36 10.33 -19.86
N ALA A 135 -7.90 10.53 -21.10
CA ALA A 135 -6.77 9.82 -21.68
C ALA A 135 -5.52 10.69 -21.61
N ALA A 136 -4.40 10.10 -21.19
CA ALA A 136 -3.19 10.88 -20.97
C ALA A 136 -2.49 11.31 -22.26
N ASP A 137 -2.66 10.57 -23.35
CA ASP A 137 -1.87 10.79 -24.55
C ASP A 137 -2.57 10.13 -25.73
N THR A 138 -1.95 10.20 -26.91
CA THR A 138 -2.61 9.66 -28.10
C THR A 138 -2.69 8.13 -28.08
N ALA A 139 -1.83 7.45 -27.34
CA ALA A 139 -1.99 6.01 -27.15
C ALA A 139 -3.25 5.71 -26.35
N ALA A 140 -3.40 6.37 -25.20
CA ALA A 140 -4.59 6.15 -24.38
C ALA A 140 -5.87 6.56 -25.10
N GLN A 141 -5.77 7.49 -26.06
CA GLN A 141 -6.96 7.82 -26.86
C GLN A 141 -7.44 6.63 -27.66
N ILE A 142 -6.54 5.73 -28.07
CA ILE A 142 -6.98 4.51 -28.75
C ILE A 142 -7.83 3.66 -27.83
N THR A 143 -7.35 3.47 -26.59
CA THR A 143 -8.14 2.76 -25.61
C THR A 143 -9.47 3.47 -25.34
N GLN A 144 -9.42 4.81 -25.20
CA GLN A 144 -10.65 5.57 -24.97
C GLN A 144 -11.66 5.31 -26.06
N ARG A 145 -11.22 5.38 -27.32
CA ARG A 145 -12.17 5.20 -28.42
C ARG A 145 -12.73 3.79 -28.41
N LYS A 146 -11.89 2.81 -28.07
N LYS A 146 -11.89 2.80 -28.12
CA LYS A 146 -12.34 1.43 -27.97
CA LYS A 146 -12.37 1.43 -27.98
C LYS A 146 -13.36 1.25 -26.86
C LYS A 146 -13.43 1.33 -26.88
N TRP A 147 -13.14 1.91 -25.73
CA TRP A 147 -14.06 1.81 -24.60
C TRP A 147 -15.34 2.60 -24.84
N GLU A 148 -15.26 3.71 -25.58
CA GLU A 148 -16.45 4.44 -25.98
C GLU A 148 -17.30 3.62 -26.94
N ALA A 149 -16.65 2.95 -27.90
CA ALA A 149 -17.39 2.14 -28.87
C ALA A 149 -18.10 0.99 -28.20
N ALA A 150 -17.51 0.42 -27.14
CA ALA A 150 -18.07 -0.72 -26.43
C ALA A 150 -18.91 -0.33 -25.21
N ARG A 151 -19.14 0.97 -24.99
N ARG A 151 -19.19 0.96 -25.02
CA ARG A 151 -19.94 1.45 -23.85
CA ARG A 151 -19.92 1.47 -23.85
C ARG A 151 -19.42 0.91 -22.52
C ARG A 151 -19.41 0.87 -22.54
N VAL A 152 -18.09 0.93 -22.36
CA VAL A 152 -17.48 0.40 -21.14
C VAL A 152 -17.86 1.24 -19.92
N ALA A 153 -17.88 2.56 -20.06
CA ALA A 153 -18.22 3.41 -18.91
C ALA A 153 -19.59 3.06 -18.35
N GLU A 154 -20.55 2.76 -19.22
CA GLU A 154 -21.89 2.39 -18.77
C GLU A 154 -21.85 1.09 -17.96
N GLN A 155 -21.02 0.14 -18.38
N GLN A 155 -21.03 0.13 -18.39
CA GLN A 155 -20.90 -1.11 -17.62
CA GLN A 155 -20.88 -1.11 -17.65
C GLN A 155 -20.24 -0.88 -16.28
C GLN A 155 -20.27 -0.85 -16.28
N LEU A 156 -19.22 -0.02 -16.24
CA LEU A 156 -18.57 0.28 -14.97
C LEU A 156 -19.50 1.05 -14.05
N ARG A 157 -20.23 2.03 -14.58
CA ARG A 157 -21.16 2.76 -13.74
C ARG A 157 -22.16 1.81 -13.07
N ALA A 158 -22.74 0.90 -13.86
CA ALA A 158 -23.71 -0.04 -13.30
C ALA A 158 -23.08 -0.88 -12.18
N TYR A 159 -21.85 -1.34 -12.39
CA TYR A 159 -21.16 -2.12 -11.37
C TYR A 159 -20.86 -1.27 -10.13
N LEU A 160 -20.29 -0.08 -10.35
CA LEU A 160 -19.83 0.74 -9.23
C LEU A 160 -20.99 1.18 -8.35
N GLU A 161 -22.13 1.53 -8.96
CA GLU A 161 -23.29 1.99 -8.20
C GLU A 161 -24.12 0.86 -7.62
N GLY A 162 -23.99 -0.36 -8.13
CA GLY A 162 -24.78 -1.47 -7.64
C GLY A 162 -23.91 -2.49 -6.94
N THR A 163 -23.41 -3.45 -7.71
CA THR A 163 -22.63 -4.57 -7.17
C THR A 163 -21.56 -4.11 -6.20
N CYS A 164 -20.77 -3.10 -6.57
CA CYS A 164 -19.63 -2.70 -5.74
C CYS A 164 -20.09 -2.24 -4.37
N VAL A 165 -21.04 -1.29 -4.32
CA VAL A 165 -21.47 -0.78 -3.02
CA VAL A 165 -21.51 -0.76 -3.04
C VAL A 165 -22.23 -1.83 -2.23
N GLU A 166 -23.02 -2.68 -2.91
CA GLU A 166 -23.73 -3.73 -2.19
C GLU A 166 -22.75 -4.67 -1.50
N TRP A 167 -21.69 -5.06 -2.20
CA TRP A 167 -20.69 -5.94 -1.60
C TRP A 167 -19.91 -5.23 -0.51
N LEU A 168 -19.53 -3.96 -0.73
CA LEU A 168 -18.84 -3.22 0.32
C LEU A 168 -19.67 -3.18 1.60
N ARG A 169 -20.97 -2.87 1.48
CA ARG A 169 -21.83 -2.86 2.66
C ARG A 169 -21.88 -4.23 3.32
N ARG A 170 -21.96 -5.29 2.51
CA ARG A 170 -21.99 -6.65 3.07
C ARG A 170 -20.70 -6.96 3.83
N HIS A 171 -19.54 -6.63 3.24
CA HIS A 171 -18.28 -6.86 3.93
C HIS A 171 -18.20 -6.07 5.23
N LEU A 172 -18.65 -4.81 5.20
CA LEU A 172 -18.59 -3.99 6.40
C LEU A 172 -19.43 -4.60 7.51
N GLU A 173 -20.57 -5.19 7.17
CA GLU A 173 -21.39 -5.85 8.19
C GLU A 173 -20.74 -7.13 8.67
N ASN A 174 -20.29 -7.99 7.75
CA ASN A 174 -19.69 -9.27 8.15
C ASN A 174 -18.41 -9.07 8.95
N GLY A 175 -17.63 -8.03 8.62
CA GLY A 175 -16.41 -7.77 9.36
C GLY A 175 -16.51 -6.58 10.29
N LYS A 176 -17.72 -6.28 10.80
CA LYS A 176 -17.91 -5.02 11.51
CA LYS A 176 -17.92 -5.03 11.51
C LYS A 176 -17.03 -4.90 12.74
N GLU A 177 -16.72 -6.01 13.42
N GLU A 177 -16.72 -6.01 13.42
CA GLU A 177 -15.94 -5.95 14.65
CA GLU A 177 -15.94 -5.93 14.66
C GLU A 177 -14.50 -5.49 14.43
C GLU A 177 -14.53 -5.39 14.41
N THR A 178 -14.00 -5.54 13.20
CA THR A 178 -12.69 -5.01 12.84
C THR A 178 -12.79 -3.86 11.85
N LEU A 179 -13.53 -4.04 10.75
CA LEU A 179 -13.57 -3.03 9.71
C LEU A 179 -14.19 -1.73 10.21
N GLN A 180 -15.14 -1.83 11.13
CA GLN A 180 -15.80 -0.65 11.69
C GLN A 180 -15.31 -0.32 13.09
N ARG A 181 -14.10 -0.75 13.43
CA ARG A 181 -13.48 -0.44 14.71
C ARG A 181 -12.21 0.35 14.43
N ALA A 182 -12.15 1.58 14.94
CA ALA A 182 -10.97 2.41 14.82
C ALA A 182 -10.15 2.25 16.10
N ASP A 183 -8.90 1.78 15.96
CA ASP A 183 -8.02 1.61 17.10
C ASP A 183 -7.13 2.82 17.22
N PRO A 184 -7.14 3.51 18.36
CA PRO A 184 -6.36 4.75 18.48
C PRO A 184 -4.88 4.44 18.57
N PRO A 185 -4.05 5.41 18.22
CA PRO A 185 -2.60 5.26 18.43
C PRO A 185 -2.26 5.29 19.91
N LYS A 186 -1.30 4.46 20.29
N LYS A 186 -1.29 4.47 20.27
CA LYS A 186 -0.59 4.60 21.55
CA LYS A 186 -0.59 4.60 21.54
C LYS A 186 0.56 5.56 21.27
C LYS A 186 0.59 5.54 21.30
N THR A 187 0.66 6.62 22.08
CA THR A 187 1.58 7.71 21.77
C THR A 187 2.56 7.95 22.91
N HIS A 188 3.77 8.37 22.54
CA HIS A 188 4.77 8.79 23.50
C HIS A 188 5.84 9.58 22.77
N VAL A 189 6.63 10.32 23.55
CA VAL A 189 7.71 11.15 23.03
C VAL A 189 9.02 10.64 23.60
N THR A 190 9.99 10.41 22.72
CA THR A 190 11.33 10.04 23.13
C THR A 190 12.31 11.17 22.82
N HIS A 191 13.44 11.14 23.51
CA HIS A 191 14.44 12.20 23.46
C HIS A 191 15.77 11.54 23.17
N HIS A 192 16.47 12.04 22.16
CA HIS A 192 17.70 11.43 21.67
C HIS A 192 18.77 12.51 21.52
N PRO A 193 19.64 12.67 22.50
CA PRO A 193 20.72 13.66 22.38
C PRO A 193 21.53 13.46 21.11
N ILE A 194 21.85 14.57 20.45
CA ILE A 194 22.70 14.58 19.27
C ILE A 194 24.09 15.07 19.61
N SER A 195 24.16 16.17 20.36
CA SER A 195 25.40 16.84 20.71
C SER A 195 25.10 17.63 21.96
N ASP A 196 26.09 18.39 22.44
CA ASP A 196 25.83 19.31 23.54
C ASP A 196 24.78 20.34 23.18
N HIS A 197 24.57 20.60 21.89
CA HIS A 197 23.79 21.73 21.44
C HIS A 197 22.34 21.40 21.08
N GLU A 198 22.04 20.13 20.80
CA GLU A 198 20.76 19.76 20.21
C GLU A 198 20.41 18.33 20.57
N ALA A 199 19.11 18.04 20.50
CA ALA A 199 18.60 16.69 20.66
C ALA A 199 17.41 16.51 19.73
N THR A 200 17.12 15.26 19.39
CA THR A 200 15.93 14.92 18.64
C THR A 200 14.79 14.62 19.60
N LEU A 201 13.62 15.22 19.36
CA LEU A 201 12.37 14.77 19.97
C LEU A 201 11.61 13.98 18.93
N ARG A 202 11.22 12.75 19.27
CA ARG A 202 10.48 11.90 18.34
C ARG A 202 9.15 11.56 18.98
N CYS A 203 8.05 11.90 18.30
N CYS A 203 8.08 11.86 18.25
CA CYS A 203 6.74 11.55 18.83
CA CYS A 203 6.72 11.59 18.68
C CYS A 203 6.13 10.41 18.02
C CYS A 203 6.22 10.34 17.96
N TRP A 204 5.84 9.33 18.72
CA TRP A 204 5.45 8.03 18.18
C TRP A 204 3.94 7.83 18.24
N ALA A 205 3.42 7.18 17.20
CA ALA A 205 2.05 6.70 17.18
C ALA A 205 2.10 5.24 16.76
N LEU A 206 1.63 4.35 17.64
CA LEU A 206 1.74 2.91 17.42
C LEU A 206 0.39 2.24 17.60
N GLY A 207 0.16 1.17 16.82
CA GLY A 207 -1.00 0.34 17.05
C GLY A 207 -2.32 0.89 16.55
N PHE A 208 -2.31 1.81 15.58
CA PHE A 208 -3.54 2.46 15.15
C PHE A 208 -4.12 1.83 13.87
N TYR A 209 -5.44 1.96 13.71
CA TYR A 209 -6.15 1.48 12.53
C TYR A 209 -7.38 2.37 12.42
N PRO A 210 -7.70 2.91 11.23
CA PRO A 210 -7.02 2.77 9.95
C PRO A 210 -5.77 3.63 9.88
N ALA A 211 -5.12 3.64 8.71
CA ALA A 211 -3.81 4.28 8.57
C ALA A 211 -3.89 5.81 8.61
N GLU A 212 -5.03 6.41 8.26
CA GLU A 212 -5.12 7.85 8.25
C GLU A 212 -4.86 8.42 9.64
N ILE A 213 -3.95 9.38 9.72
CA ILE A 213 -3.56 9.99 10.99
C ILE A 213 -2.97 11.34 10.70
N THR A 214 -3.07 12.26 11.65
CA THR A 214 -2.35 13.52 11.60
C THR A 214 -1.41 13.57 12.80
N LEU A 215 -0.12 13.75 12.53
CA LEU A 215 0.93 13.70 13.54
C LEU A 215 1.88 14.85 13.24
N THR A 216 1.93 15.86 14.11
CA THR A 216 2.70 17.06 13.83
C THR A 216 3.39 17.56 15.09
N TRP A 217 4.42 18.38 14.88
CA TRP A 217 5.09 19.11 15.93
C TRP A 217 4.82 20.59 15.78
N GLN A 218 4.63 21.27 16.92
CA GLN A 218 4.56 22.71 16.98
C GLN A 218 5.65 23.22 17.91
N ARG A 219 6.16 24.42 17.61
CA ARG A 219 7.08 25.16 18.47
CA ARG A 219 7.06 25.14 18.50
C ARG A 219 6.37 26.46 18.83
N ASP A 220 6.17 26.70 20.13
CA ASP A 220 5.44 27.88 20.58
C ASP A 220 4.06 27.99 19.91
N GLY A 221 3.47 26.85 19.56
CA GLY A 221 2.17 26.85 18.92
C GLY A 221 2.17 27.04 17.41
N GLU A 222 3.35 27.08 16.78
CA GLU A 222 3.46 27.23 15.34
C GLU A 222 3.89 25.90 14.74
N ASP A 223 3.17 25.46 13.70
CA ASP A 223 3.49 24.18 13.08
C ASP A 223 4.88 24.21 12.47
N GLN A 224 5.61 23.09 12.60
CA GLN A 224 7.00 22.99 12.16
C GLN A 224 7.14 22.09 10.96
N THR A 225 6.33 22.30 9.92
CA THR A 225 6.27 21.35 8.81
C THR A 225 7.64 21.13 8.17
N GLN A 226 8.31 22.22 7.79
CA GLN A 226 9.57 22.10 7.07
C GLN A 226 10.65 21.44 7.93
N ASP A 227 10.60 21.64 9.25
CA ASP A 227 11.65 21.16 10.14
C ASP A 227 11.33 19.79 10.75
N THR A 228 10.23 19.17 10.36
CA THR A 228 9.85 17.87 10.91
C THR A 228 10.22 16.77 9.93
N GLU A 229 10.87 15.71 10.43
CA GLU A 229 11.03 14.49 9.67
C GLU A 229 9.85 13.58 9.98
N LEU A 230 9.05 13.27 8.98
CA LEU A 230 7.82 12.51 9.13
C LEU A 230 7.95 11.25 8.30
N VAL A 231 8.11 10.08 8.94
CA VAL A 231 8.25 8.84 8.17
C VAL A 231 6.90 8.41 7.61
N GLU A 232 6.94 7.65 6.52
CA GLU A 232 5.73 7.08 5.97
CA GLU A 232 5.73 7.06 5.97
C GLU A 232 5.07 6.15 6.99
N THR A 233 3.74 6.21 7.05
CA THR A 233 2.99 5.28 7.87
C THR A 233 3.27 3.86 7.40
N ARG A 234 3.57 2.98 8.34
CA ARG A 234 4.08 1.65 8.01
C ARG A 234 3.27 0.58 8.71
N PRO A 235 3.12 -0.58 8.08
CA PRO A 235 2.32 -1.66 8.68
C PRO A 235 3.09 -2.43 9.76
N ALA A 236 2.43 -2.73 10.87
CA ALA A 236 3.06 -3.53 11.90
C ALA A 236 3.00 -5.02 11.65
N GLY A 237 2.03 -5.50 10.87
CA GLY A 237 1.83 -6.91 10.65
C GLY A 237 0.73 -7.54 11.50
N ASP A 238 0.07 -6.76 12.35
CA ASP A 238 -1.05 -7.22 13.16
C ASP A 238 -2.33 -6.46 12.80
N ARG A 239 -2.37 -5.88 11.59
CA ARG A 239 -3.42 -5.03 11.02
C ARG A 239 -3.20 -3.55 11.28
N THR A 240 -2.42 -3.23 12.32
CA THR A 240 -2.23 -1.85 12.72
C THR A 240 -1.06 -1.21 12.00
N PHE A 241 -0.94 0.10 12.22
CA PHE A 241 0.06 0.94 11.59
C PHE A 241 0.87 1.66 12.65
N GLN A 242 2.02 2.19 12.21
CA GLN A 242 2.95 2.93 13.04
C GLN A 242 3.41 4.16 12.27
N LYS A 243 3.79 5.20 13.01
CA LYS A 243 4.33 6.40 12.40
C LYS A 243 5.08 7.16 13.48
N TRP A 244 6.07 7.94 13.06
CA TRP A 244 6.70 8.89 13.97
C TRP A 244 7.05 10.17 13.24
N ALA A 245 7.20 11.23 14.03
CA ALA A 245 7.56 12.56 13.56
C ALA A 245 8.65 13.07 14.50
N ALA A 246 9.72 13.64 13.93
CA ALA A 246 10.85 14.06 14.74
C ALA A 246 11.26 15.49 14.41
N VAL A 247 11.73 16.20 15.44
CA VAL A 247 12.26 17.55 15.31
CA VAL A 247 12.26 17.54 15.29
C VAL A 247 13.57 17.64 16.08
N VAL A 248 14.49 18.45 15.56
CA VAL A 248 15.76 18.73 16.23
C VAL A 248 15.58 20.01 17.04
N VAL A 249 15.84 19.93 18.34
N VAL A 249 15.88 19.93 18.34
CA VAL A 249 15.55 21.06 19.20
CA VAL A 249 15.54 20.95 19.33
C VAL A 249 16.81 21.48 19.95
C VAL A 249 16.82 21.47 19.99
N PRO A 250 16.99 22.77 20.18
CA PRO A 250 18.15 23.24 20.95
C PRO A 250 18.05 22.75 22.39
N SER A 251 19.20 22.43 22.98
CA SER A 251 19.25 21.98 24.36
C SER A 251 18.55 22.96 25.29
N GLY A 252 17.68 22.43 26.15
CA GLY A 252 16.98 23.23 27.12
C GLY A 252 15.68 23.82 26.64
N GLU A 253 15.36 23.70 25.34
CA GLU A 253 14.17 24.30 24.78
C GLU A 253 13.05 23.28 24.56
N GLU A 254 13.19 22.08 25.12
CA GLU A 254 12.27 20.99 24.80
C GLU A 254 10.82 21.33 25.14
N GLN A 255 10.58 22.13 26.18
CA GLN A 255 9.20 22.37 26.58
C GLN A 255 8.46 23.34 25.67
N ARG A 256 9.16 23.97 24.71
CA ARG A 256 8.50 24.79 23.73
C ARG A 256 7.85 23.98 22.62
N TYR A 257 8.09 22.67 22.59
CA TYR A 257 7.62 21.81 21.51
C TYR A 257 6.48 20.93 21.99
N THR A 258 5.44 20.84 21.18
CA THR A 258 4.32 19.98 21.46
C THR A 258 4.02 19.12 20.24
N CYS A 259 3.69 17.86 20.49
CA CYS A 259 3.29 16.94 19.44
C CYS A 259 1.76 16.79 19.47
N HIS A 260 1.16 16.79 18.29
CA HIS A 260 -0.29 16.81 18.15
C HIS A 260 -0.71 15.61 17.33
N VAL A 261 -1.72 14.89 17.82
CA VAL A 261 -2.16 13.65 17.21
C VAL A 261 -3.67 13.69 17.03
N GLN A 262 -4.12 13.44 15.81
N GLN A 262 -4.12 13.39 15.81
CA GLN A 262 -5.54 13.23 15.57
CA GLN A 262 -5.53 13.25 15.48
C GLN A 262 -5.73 11.91 14.85
C GLN A 262 -5.74 11.90 14.81
N HIS A 263 -6.75 11.18 15.26
CA HIS A 263 -7.06 9.86 14.72
C HIS A 263 -8.49 9.51 15.10
N GLU A 264 -9.16 8.78 14.19
CA GLU A 264 -10.57 8.41 14.38
C GLU A 264 -10.80 7.61 15.66
N GLY A 265 -9.81 6.86 16.13
CA GLY A 265 -9.99 6.06 17.33
C GLY A 265 -9.86 6.83 18.64
N LEU A 266 -9.42 8.08 18.57
CA LEU A 266 -9.22 8.88 19.77
C LEU A 266 -10.51 9.60 20.14
N PRO A 267 -10.90 9.60 21.43
CA PRO A 267 -12.05 10.42 21.82
C PRO A 267 -11.79 11.91 21.66
N LYS A 268 -10.54 12.34 21.80
CA LYS A 268 -10.14 13.74 21.65
C LYS A 268 -8.74 13.78 21.07
N PRO A 269 -8.42 14.81 20.29
CA PRO A 269 -7.04 14.96 19.82
C PRO A 269 -6.09 15.08 20.99
N LEU A 270 -4.86 14.59 20.79
CA LEU A 270 -3.87 14.55 21.85
C LEU A 270 -2.84 15.66 21.66
N THR A 271 -2.35 16.18 22.78
CA THR A 271 -1.19 17.05 22.82
C THR A 271 -0.19 16.42 23.78
N LEU A 272 1.04 16.22 23.31
CA LEU A 272 2.06 15.56 24.12
C LEU A 272 3.31 16.41 24.14
N ARG A 273 4.08 16.28 25.23
N ARG A 273 4.06 16.29 25.23
CA ARG A 273 5.37 16.93 25.37
CA ARG A 273 5.39 16.88 25.33
C ARG A 273 6.40 15.88 25.79
C ARG A 273 6.34 15.82 25.86
N TRP A 274 7.66 16.27 25.72
N TRP A 274 7.64 16.06 25.66
CA TRP A 274 8.73 15.44 26.27
CA TRP A 274 8.63 15.24 26.31
C TRP A 274 8.60 15.43 27.79
C TRP A 274 8.45 15.36 27.82
N GLU A 275 8.45 14.25 28.36
N GLU A 275 8.45 14.22 28.50
CA GLU A 275 8.33 14.08 29.81
CA GLU A 275 8.28 14.13 29.94
C GLU A 275 9.60 13.42 30.32
C GLU A 275 9.50 13.45 30.52
N PRO A 276 10.57 14.19 30.83
CA PRO A 276 11.83 13.63 31.35
C PRO A 276 11.67 12.99 32.73
N GLN B 1 -17.59 -8.62 -4.98
CA GLN B 1 -17.27 -9.30 -6.23
CA GLN B 1 -17.32 -9.29 -6.24
C GLN B 1 -16.56 -8.36 -7.19
N GLU B 2 -15.60 -8.92 -7.94
CA GLU B 2 -14.87 -8.17 -8.95
C GLU B 2 -15.71 -7.99 -10.21
N ILE B 3 -15.21 -7.15 -11.11
CA ILE B 3 -15.75 -7.02 -12.47
C ILE B 3 -14.67 -7.43 -13.45
N ARG B 4 -15.10 -7.92 -14.60
CA ARG B 4 -14.17 -8.22 -15.68
CA ARG B 4 -14.16 -8.23 -15.68
C ARG B 4 -13.40 -6.96 -16.07
N THR B 5 -12.15 -7.17 -16.47
CA THR B 5 -11.37 -6.12 -17.12
CA THR B 5 -11.39 -6.10 -17.11
C THR B 5 -11.78 -6.01 -18.58
N PHE B 6 -11.61 -4.83 -19.14
CA PHE B 6 -11.90 -4.57 -20.53
C PHE B 6 -10.59 -4.38 -21.28
N SER B 7 -10.48 -5.01 -22.44
N SER B 7 -10.47 -5.03 -22.43
CA SER B 7 -9.26 -4.98 -23.22
CA SER B 7 -9.21 -5.01 -23.17
C SER B 7 -8.86 -3.55 -23.57
C SER B 7 -8.85 -3.59 -23.58
N PHE B 8 -7.60 -3.22 -23.38
CA PHE B 8 -7.09 -1.89 -23.68
C PHE B 8 -6.81 -1.74 -25.16
N MET C 1 12.80 4.19 -19.56
CA MET C 1 11.63 4.70 -18.86
C MET C 1 12.01 5.18 -17.47
N ILE C 2 11.09 5.89 -16.81
CA ILE C 2 11.37 6.45 -15.50
C ILE C 2 11.15 5.37 -14.44
N GLN C 3 12.13 5.23 -13.55
CA GLN C 3 12.07 4.26 -12.47
C GLN C 3 12.17 5.01 -11.14
N ARG C 4 11.72 4.35 -10.07
N ARG C 4 11.74 4.34 -10.07
CA ARG C 4 11.67 4.95 -8.74
CA ARG C 4 11.66 4.94 -8.74
C ARG C 4 12.35 4.02 -7.75
C ARG C 4 12.34 4.01 -7.74
N THR C 5 13.26 4.56 -6.96
CA THR C 5 14.04 3.75 -6.05
C THR C 5 13.28 3.53 -4.73
N PRO C 6 13.47 2.39 -4.07
CA PRO C 6 12.67 2.10 -2.88
C PRO C 6 13.06 2.92 -1.66
N LYS C 7 12.05 3.33 -0.91
N LYS C 7 12.04 3.30 -0.90
CA LYS C 7 12.22 3.71 0.48
CA LYS C 7 12.21 3.71 0.49
C LYS C 7 12.27 2.42 1.31
C LYS C 7 12.18 2.45 1.37
N ILE C 8 12.96 2.48 2.45
CA ILE C 8 13.17 1.31 3.30
C ILE C 8 13.01 1.73 4.76
N GLN C 9 12.16 1.01 5.50
CA GLN C 9 12.12 1.13 6.95
C GLN C 9 12.23 -0.25 7.57
N VAL C 10 13.03 -0.35 8.63
N VAL C 10 13.08 -0.39 8.59
CA VAL C 10 13.29 -1.59 9.35
CA VAL C 10 13.22 -1.65 9.31
C VAL C 10 12.88 -1.35 10.80
C VAL C 10 12.91 -1.41 10.77
N TYR C 11 12.03 -2.23 11.34
CA TYR C 11 11.42 -1.95 12.63
C TYR C 11 10.73 -3.20 13.16
N SER C 12 10.38 -3.17 14.44
CA SER C 12 9.70 -4.28 15.08
C SER C 12 8.20 -4.08 15.15
N ARG C 13 7.48 -5.21 15.16
CA ARG C 13 6.02 -5.16 15.27
C ARG C 13 5.60 -4.64 16.63
N HIS C 14 6.21 -5.14 17.69
CA HIS C 14 5.94 -4.77 19.07
C HIS C 14 7.14 -4.02 19.64
N PRO C 15 6.94 -3.26 20.72
CA PRO C 15 8.08 -2.58 21.35
C PRO C 15 9.17 -3.58 21.71
N ALA C 16 10.42 -3.20 21.43
CA ALA C 16 11.54 -4.11 21.60
C ALA C 16 11.84 -4.31 23.08
N GLU C 17 11.95 -5.57 23.49
N GLU C 17 11.91 -5.57 23.49
CA GLU C 17 12.36 -5.94 24.84
CA GLU C 17 12.36 -5.95 24.83
C GLU C 17 13.38 -7.06 24.71
C GLU C 17 13.41 -7.04 24.64
N ASN C 18 14.59 -6.81 25.19
CA ASN C 18 15.68 -7.77 25.03
C ASN C 18 15.29 -9.13 25.60
N GLY C 19 15.47 -10.18 24.80
CA GLY C 19 15.14 -11.52 25.19
C GLY C 19 13.70 -11.93 24.96
N LYS C 20 12.86 -11.04 24.43
N LYS C 20 12.86 -11.04 24.43
CA LYS C 20 11.45 -11.33 24.20
CA LYS C 20 11.45 -11.33 24.20
C LYS C 20 11.21 -11.45 22.70
C LYS C 20 11.21 -11.45 22.70
N SER C 21 10.65 -12.59 22.28
CA SER C 21 10.38 -12.83 20.87
C SER C 21 9.43 -11.78 20.31
N ASN C 22 9.65 -11.41 19.06
CA ASN C 22 9.01 -10.26 18.40
C ASN C 22 8.97 -10.59 16.91
N PHE C 23 8.66 -9.59 16.09
CA PHE C 23 8.69 -9.75 14.64
C PHE C 23 9.47 -8.58 14.05
N LEU C 24 10.39 -8.91 13.15
CA LEU C 24 11.24 -7.94 12.48
C LEU C 24 10.63 -7.68 11.11
N ASN C 25 10.36 -6.42 10.81
CA ASN C 25 9.74 -5.97 9.57
C ASN C 25 10.73 -5.18 8.74
N CYS C 26 10.70 -5.41 7.43
CA CYS C 26 11.35 -4.53 6.47
C CYS C 26 10.27 -4.11 5.48
N TYR C 27 9.91 -2.84 5.52
CA TYR C 27 8.87 -2.29 4.67
C TYR C 27 9.57 -1.53 3.54
N VAL C 28 9.36 -1.98 2.32
CA VAL C 28 9.90 -1.32 1.13
CA VAL C 28 9.90 -1.34 1.13
C VAL C 28 8.74 -0.72 0.36
N SER C 29 8.90 0.52 -0.07
CA SER C 29 7.79 1.24 -0.69
C SER C 29 8.33 2.28 -1.65
N GLY C 30 7.42 2.83 -2.43
CA GLY C 30 7.80 3.92 -3.31
C GLY C 30 8.57 3.53 -4.55
N PHE C 31 8.63 2.25 -4.88
CA PHE C 31 9.52 1.79 -5.96
C PHE C 31 8.72 1.42 -7.21
N HIS C 32 9.44 1.45 -8.33
CA HIS C 32 8.91 1.06 -9.63
C HIS C 32 10.11 0.81 -10.52
N PRO C 33 10.17 -0.32 -11.23
CA PRO C 33 9.19 -1.40 -11.36
C PRO C 33 9.11 -2.29 -10.12
N SER C 34 8.25 -3.31 -10.17
CA SER C 34 7.87 -4.03 -8.96
C SER C 34 8.88 -5.11 -8.55
N ASP C 35 9.74 -5.57 -9.44
N ASP C 35 9.74 -5.58 -9.44
CA ASP C 35 10.72 -6.56 -9.05
CA ASP C 35 10.70 -6.59 -9.03
C ASP C 35 11.66 -5.95 -8.01
C ASP C 35 11.70 -6.00 -8.04
N ILE C 36 11.91 -6.71 -6.94
CA ILE C 36 12.77 -6.22 -5.86
C ILE C 36 13.24 -7.44 -5.08
N GLU C 37 14.45 -7.36 -4.53
CA GLU C 37 15.03 -8.43 -3.74
CA GLU C 37 15.05 -8.43 -3.74
C GLU C 37 15.25 -7.90 -2.33
N VAL C 38 14.66 -8.58 -1.35
CA VAL C 38 14.75 -8.16 0.04
C VAL C 38 15.19 -9.33 0.88
N ASP C 39 16.24 -9.14 1.67
CA ASP C 39 16.72 -10.10 2.64
C ASP C 39 16.69 -9.48 4.02
N LEU C 40 16.35 -10.27 5.03
CA LEU C 40 16.55 -9.87 6.41
C LEU C 40 17.81 -10.56 6.92
N LEU C 41 18.63 -9.83 7.67
CA LEU C 41 19.93 -10.30 8.12
C LEU C 41 19.98 -10.34 9.63
N LYS C 42 20.63 -11.37 10.16
CA LYS C 42 20.98 -11.47 11.57
C LYS C 42 22.49 -11.64 11.64
N ASN C 43 23.17 -10.66 12.25
CA ASN C 43 24.63 -10.66 12.33
C ASN C 43 25.26 -10.86 10.96
N GLY C 44 24.69 -10.18 9.96
CA GLY C 44 25.20 -10.19 8.60
C GLY C 44 24.79 -11.37 7.76
N GLU C 45 24.10 -12.36 8.32
CA GLU C 45 23.74 -13.58 7.61
C GLU C 45 22.26 -13.58 7.26
N ARG C 46 21.94 -14.07 6.06
CA ARG C 46 20.57 -14.05 5.59
C ARG C 46 19.69 -14.99 6.41
N ILE C 47 18.58 -14.46 6.91
CA ILE C 47 17.58 -15.26 7.61
C ILE C 47 16.77 -16.03 6.58
N GLU C 48 16.59 -17.33 6.82
CA GLU C 48 15.88 -18.17 5.88
C GLU C 48 14.36 -18.08 6.09
N LYS C 49 13.61 -18.32 5.01
CA LYS C 49 12.16 -18.49 5.07
C LYS C 49 11.41 -17.23 5.52
N VAL C 50 11.97 -16.05 5.23
CA VAL C 50 11.26 -14.80 5.49
C VAL C 50 10.00 -14.75 4.64
N GLU C 51 8.90 -14.25 5.22
CA GLU C 51 7.63 -14.13 4.51
C GLU C 51 7.41 -12.70 4.03
N HIS C 52 6.50 -12.55 3.08
CA HIS C 52 6.21 -11.21 2.57
C HIS C 52 4.74 -11.09 2.20
N SER C 53 4.30 -9.83 2.14
CA SER C 53 2.94 -9.49 1.75
C SER C 53 2.73 -9.66 0.24
N ASP C 54 1.47 -9.59 -0.16
CA ASP C 54 1.11 -9.65 -1.57
C ASP C 54 1.32 -8.29 -2.22
N LEU C 55 1.88 -8.30 -3.44
CA LEU C 55 2.20 -7.06 -4.14
C LEU C 55 0.97 -6.17 -4.32
N SER C 56 1.12 -4.91 -3.92
CA SER C 56 0.10 -3.91 -4.17
C SER C 56 0.81 -2.57 -4.35
N PHE C 57 0.02 -1.51 -4.54
CA PHE C 57 0.59 -0.22 -4.87
C PHE C 57 -0.23 0.89 -4.25
N SER C 58 0.44 2.03 -4.13
CA SER C 58 -0.10 3.25 -3.53
CA SER C 58 -0.14 3.23 -3.53
C SER C 58 -0.78 4.10 -4.60
N LYS C 59 -1.37 5.22 -4.16
CA LYS C 59 -2.12 6.05 -5.08
CA LYS C 59 -2.12 6.08 -5.07
C LYS C 59 -1.26 6.58 -6.22
N ASP C 60 0.02 6.81 -5.96
CA ASP C 60 0.94 7.29 -6.99
C ASP C 60 1.51 6.19 -7.87
N TRP C 61 0.98 4.97 -7.76
CA TRP C 61 1.32 3.80 -8.55
C TRP C 61 2.60 3.11 -8.09
N SER C 62 3.32 3.66 -7.11
CA SER C 62 4.51 2.99 -6.63
C SER C 62 4.13 1.79 -5.77
N PHE C 63 4.98 0.78 -5.81
CA PHE C 63 4.70 -0.49 -5.15
C PHE C 63 5.17 -0.49 -3.70
N TYR C 64 4.59 -1.38 -2.90
CA TYR C 64 5.05 -1.60 -1.54
C TYR C 64 4.93 -3.08 -1.18
N LEU C 65 5.85 -3.51 -0.32
CA LEU C 65 5.89 -4.87 0.20
C LEU C 65 6.39 -4.83 1.63
N LEU C 66 5.87 -5.72 2.45
CA LEU C 66 6.35 -5.95 3.82
C LEU C 66 6.98 -7.33 3.88
N TYR C 67 8.25 -7.39 4.31
CA TYR C 67 8.95 -8.64 4.58
C TYR C 67 9.08 -8.76 6.09
N TYR C 68 8.88 -9.98 6.62
CA TYR C 68 8.80 -10.10 8.06
C TYR C 68 9.20 -11.49 8.52
N THR C 69 9.73 -11.56 9.74
CA THR C 69 10.14 -12.82 10.32
C THR C 69 10.22 -12.68 11.84
N GLU C 70 10.13 -13.80 12.53
N GLU C 70 10.17 -13.81 12.53
CA GLU C 70 10.34 -13.82 13.97
CA GLU C 70 10.28 -13.80 13.99
C GLU C 70 11.76 -13.38 14.28
C GLU C 70 11.73 -13.54 14.40
N PHE C 71 11.92 -12.65 15.37
CA PHE C 71 13.25 -12.36 15.90
C PHE C 71 13.16 -12.08 17.39
N THR C 72 14.27 -12.31 18.08
CA THR C 72 14.39 -11.99 19.50
C THR C 72 15.48 -10.94 19.67
N PRO C 73 15.13 -9.67 19.88
CA PRO C 73 16.16 -8.65 20.06
C PRO C 73 16.97 -8.92 21.32
N THR C 74 18.26 -8.61 21.23
CA THR C 74 19.18 -8.69 22.35
C THR C 74 20.06 -7.44 22.31
N GLU C 75 20.91 -7.30 23.33
CA GLU C 75 21.83 -6.17 23.34
C GLU C 75 22.84 -6.28 22.20
N LYS C 76 23.30 -7.50 21.90
CA LYS C 76 24.45 -7.71 21.03
C LYS C 76 24.10 -8.07 19.59
N ASP C 77 22.98 -8.75 19.35
CA ASP C 77 22.68 -9.20 17.99
C ASP C 77 22.32 -8.02 17.10
N GLU C 78 22.84 -8.05 15.87
CA GLU C 78 22.60 -6.99 14.90
C GLU C 78 21.64 -7.50 13.83
N TYR C 79 20.59 -6.72 13.56
CA TYR C 79 19.63 -7.06 12.53
C TYR C 79 19.62 -5.96 11.48
N ALA C 80 19.27 -6.35 10.25
CA ALA C 80 19.29 -5.40 9.14
C ALA C 80 18.40 -5.94 8.03
N CYS C 81 18.12 -5.06 7.07
CA CYS C 81 17.45 -5.43 5.85
C CYS C 81 18.34 -5.04 4.68
N ARG C 82 18.42 -5.92 3.69
CA ARG C 82 19.26 -5.71 2.51
C ARG C 82 18.35 -5.73 1.29
N VAL C 83 18.40 -4.66 0.50
CA VAL C 83 17.46 -4.45 -0.60
C VAL C 83 18.24 -4.24 -1.89
N ASN C 84 17.83 -4.94 -2.95
CA ASN C 84 18.34 -4.67 -4.28
C ASN C 84 17.16 -4.40 -5.22
N HIS C 85 17.41 -3.50 -6.17
CA HIS C 85 16.42 -3.04 -7.11
C HIS C 85 17.18 -2.51 -8.31
N VAL C 86 16.51 -2.47 -9.47
CA VAL C 86 17.18 -2.03 -10.69
CA VAL C 86 17.20 -2.03 -10.68
C VAL C 86 17.79 -0.64 -10.53
N THR C 87 17.18 0.22 -9.71
CA THR C 87 17.67 1.57 -9.51
C THR C 87 18.93 1.63 -8.64
N LEU C 88 19.34 0.51 -8.03
CA LEU C 88 20.46 0.48 -7.11
C LEU C 88 21.65 -0.22 -7.75
N SER C 89 22.80 0.44 -7.77
CA SER C 89 24.00 -0.20 -8.31
C SER C 89 24.55 -1.25 -7.37
N GLN C 90 24.30 -1.10 -6.07
CA GLN C 90 24.74 -2.03 -5.05
CA GLN C 90 24.73 -2.04 -5.05
C GLN C 90 23.58 -2.23 -4.08
N PRO C 91 23.48 -3.40 -3.45
CA PRO C 91 22.44 -3.59 -2.44
C PRO C 91 22.55 -2.55 -1.34
N LYS C 92 21.40 -2.08 -0.86
CA LYS C 92 21.32 -1.11 0.22
CA LYS C 92 21.34 -1.11 0.22
C LYS C 92 21.00 -1.84 1.51
N ILE C 93 21.82 -1.64 2.53
CA ILE C 93 21.62 -2.27 3.84
C ILE C 93 21.19 -1.19 4.82
N VAL C 94 20.05 -1.41 5.46
CA VAL C 94 19.54 -0.54 6.51
C VAL C 94 19.52 -1.34 7.81
N LYS C 95 20.21 -0.83 8.83
CA LYS C 95 20.28 -1.53 10.10
C LYS C 95 19.03 -1.29 10.93
N TRP C 96 18.62 -2.32 11.67
CA TRP C 96 17.56 -2.14 12.65
C TRP C 96 18.07 -1.34 13.84
N ASP C 97 17.34 -0.29 14.18
CA ASP C 97 17.63 0.56 15.32
C ASP C 97 16.31 0.71 16.08
N ARG C 98 16.27 0.22 17.32
CA ARG C 98 15.03 0.22 18.07
C ARG C 98 14.50 1.62 18.37
N ASP C 99 15.29 2.65 18.15
CA ASP C 99 14.83 4.03 18.33
C ASP C 99 14.12 4.59 17.10
N MET C 100 13.99 3.80 16.04
CA MET C 100 13.35 4.27 14.82
C MET C 100 12.31 3.28 14.29
C1 EDO D . -22.30 10.41 3.59
O1 EDO D . -22.18 9.51 2.48
C2 EDO D . -21.54 11.71 3.29
O2 EDO D . -20.16 11.56 3.64
C1 EDO E . 1.04 6.10 -19.66
O1 EDO E . 0.71 7.41 -20.13
C2 EDO E . 2.16 5.49 -20.49
O2 EDO E . 3.36 5.40 -19.72
C1 EDO F . -7.62 13.70 -25.17
O1 EDO F . -8.84 12.99 -25.40
C2 EDO F . -6.67 12.72 -24.51
O2 EDO F . -5.29 13.11 -24.63
CL CL G . -4.27 -17.75 -14.75
CL CL H . 12.06 4.61 10.17
NA NA I . 16.71 1.88 10.92
#